data_6XYU
#
_entry.id   6XYU
#
_cell.length_a   94.910
_cell.length_b   94.910
_cell.length_c   160.040
_cell.angle_alpha   90.000
_cell.angle_beta   90.000
_cell.angle_gamma   90.000
#
_symmetry.space_group_name_H-M   'P 43 21 2'
#
loop_
_entity.id
_entity.type
_entity.pdbx_description
1 polymer Acetylcholinesterase
2 branched beta-D-mannopyranose-(1-4)-2-acetamido-2-deoxy-beta-D-glucopyranose-(1-4)-2-acetamido-2-deoxy-beta-D-glucopyranose
3 non-polymer 9-(3-IODOBENZYLAMINO)-1,2,3,4-TETRAHYDROACRIDINE
4 non-polymer 'IODIDE ION'
5 water water
#
_entity_poly.entity_id   1
_entity_poly.type   'polypeptide(L)'
_entity_poly.pdbx_seq_one_letter_code
;VIDRLVVQTSSGPVRGRSVTVQGREVHVYTGIPYAKPPVEDLRFRKPVPAEPWHGVLDATGLSATCVQERYEYFPGFSGE
EIWNPNTNVSEDCLYINVWAPAKARLRHGRGANGGEHPNGKQADTDHLIHNGNPQNTTNGLPILIWIYGGGFMTGSATLD
IYNADIMAAVGNVIVASFQYRVGAFGFLHLAPEMPSEFAEEAPGNVGLWDQALAIRWLKDNAHAFGGNPEWMTLFGESAG
SSSVNAQLMSPVTRGLVKRGMMQSGTMNAPWSHMTSEKAVEIGKALINDCNCNASMLKTNPAHVMSCMRSVDAKTISVQQ
WNSYSGILSFPSAPTIDGAFLPADPMTLMKTADLKDYDILMGNVRDEGTYFLLYDFIDYFDKDDATALPRDKYLEIMNNI
FGKATQAEREAIIFQYTSWEGNPGYQNQQQIGRAVGDHFFTCPTNEYAQALAERGASVHYYYFTHRTSTSLWGEWMGVLH
GDEIEYFFGQPLNNSLQYRPVERELGKRMLSAVIEFAKTGNPAQDGEEWPNFSKEDPVYYIFSTDDKIEKLARGPLAARC
SFWNDYLPKVRSWAGTCDGDS
;
_entity_poly.pdbx_strand_id   A
#
loop_
_chem_comp.id
_chem_comp.type
_chem_comp.name
_chem_comp.formula
BMA D-saccharide, beta linking beta-D-mannopyranose 'C6 H12 O6'
I40 non-polymer 9-(3-IODOBENZYLAMINO)-1,2,3,4-TETRAHYDROACRIDINE 'C20 H19 I N2'
IOD non-polymer 'IODIDE ION' 'I -1'
NAG D-saccharide, beta linking 2-acetamido-2-deoxy-beta-D-glucopyranose 'C8 H15 N O6'
#
# COMPACT_ATOMS: atom_id res chain seq x y z
N ASP A 3 36.02 -2.60 -5.26
CA ASP A 3 35.22 -1.53 -5.85
C ASP A 3 34.61 -0.69 -4.75
N ARG A 4 34.50 0.61 -4.98
CA ARG A 4 33.78 1.45 -4.05
C ARG A 4 32.27 1.35 -4.22
N LEU A 5 31.82 0.71 -5.28
CA LEU A 5 30.43 0.35 -5.45
C LEU A 5 30.07 -0.96 -4.79
N VAL A 6 31.02 -1.57 -4.07
CA VAL A 6 30.82 -2.87 -3.44
C VAL A 6 30.56 -2.65 -1.96
N VAL A 7 29.53 -3.30 -1.44
CA VAL A 7 29.19 -3.24 -0.03
C VAL A 7 29.07 -4.67 0.49
N GLN A 8 29.74 -4.94 1.61
CA GLN A 8 29.72 -6.24 2.27
C GLN A 8 28.45 -6.33 3.13
N THR A 9 27.45 -7.08 2.67
CA THR A 9 26.23 -7.26 3.45
C THR A 9 26.30 -8.48 4.35
N SER A 10 25.26 -8.67 5.16
CA SER A 10 25.16 -9.82 6.04
C SER A 10 25.31 -11.13 5.30
N SER A 11 24.91 -11.18 4.02
CA SER A 11 24.86 -12.42 3.26
C SER A 11 25.92 -12.47 2.17
N GLY A 12 26.85 -11.52 2.16
CA GLY A 12 27.85 -11.48 1.12
C GLY A 12 28.03 -10.09 0.54
N PRO A 13 29.10 -9.91 -0.24
CA PRO A 13 29.33 -8.63 -0.91
C PRO A 13 28.36 -8.44 -2.06
N VAL A 14 27.93 -7.19 -2.24
CA VAL A 14 27.08 -6.79 -3.35
C VAL A 14 27.72 -5.61 -4.05
N ARG A 15 27.59 -5.58 -5.38
CA ARG A 15 28.06 -4.47 -6.20
C ARG A 15 26.88 -3.72 -6.77
N GLY A 16 26.95 -2.40 -6.76
CA GLY A 16 25.86 -1.61 -7.28
C GLY A 16 26.25 -0.64 -8.36
N ARG A 17 25.38 0.34 -8.62
CA ARG A 17 25.62 1.41 -9.58
C ARG A 17 25.92 2.71 -8.84
N SER A 18 26.47 3.66 -9.58
CA SER A 18 26.65 5.03 -9.12
C SER A 18 25.83 5.93 -10.02
N VAL A 19 24.83 6.60 -9.45
CA VAL A 19 24.09 7.65 -10.13
C VAL A 19 24.48 8.98 -9.51
N THR A 20 24.43 10.03 -10.33
CA THR A 20 24.60 11.40 -9.86
C THR A 20 23.35 12.19 -10.24
N VAL A 21 22.46 12.37 -9.28
CA VAL A 21 21.22 13.12 -9.50
C VAL A 21 21.13 14.26 -8.49
N GLN A 22 20.63 15.40 -8.94
CA GLN A 22 20.52 16.59 -8.10
C GLN A 22 21.87 16.98 -7.51
N GLY A 23 22.93 16.67 -8.25
CA GLY A 23 24.26 17.07 -7.83
C GLY A 23 24.84 16.30 -6.67
N ARG A 24 24.32 15.10 -6.37
CA ARG A 24 24.95 14.25 -5.37
C ARG A 24 25.03 12.81 -5.85
N GLU A 25 26.13 12.13 -5.47
CA GLU A 25 26.34 10.73 -5.80
C GLU A 25 25.47 9.85 -4.91
N VAL A 26 24.73 8.94 -5.54
CA VAL A 26 24.03 7.86 -4.84
C VAL A 26 24.53 6.53 -5.38
N HIS A 27 24.58 5.52 -4.51
CA HIS A 27 24.97 4.17 -4.87
C HIS A 27 23.74 3.27 -4.82
N VAL A 28 23.33 2.73 -5.97
CA VAL A 28 22.01 2.12 -6.15
C VAL A 28 22.18 0.62 -6.32
N TYR A 29 21.89 -0.13 -5.26
CA TYR A 29 21.97 -1.59 -5.23
C TYR A 29 20.56 -2.16 -5.42
N THR A 30 20.31 -2.78 -6.56
CA THR A 30 19.01 -3.35 -6.90
C THR A 30 19.10 -4.86 -7.06
N GLY A 31 18.17 -5.59 -6.44
CA GLY A 31 18.05 -7.02 -6.62
C GLY A 31 18.90 -7.87 -5.69
N ILE A 32 18.91 -7.53 -4.41
CA ILE A 32 19.70 -8.27 -3.41
C ILE A 32 18.79 -9.34 -2.81
N PRO A 33 19.11 -10.62 -2.93
CA PRO A 33 18.24 -11.63 -2.32
C PRO A 33 18.20 -11.43 -0.82
N TYR A 34 16.98 -11.40 -0.26
CA TYR A 34 16.80 -11.37 1.18
C TYR A 34 16.13 -12.62 1.71
N ALA A 35 15.69 -13.50 0.83
CA ALA A 35 15.07 -14.75 1.22
C ALA A 35 15.41 -15.77 0.14
N LYS A 36 15.36 -17.04 0.53
CA LYS A 36 15.41 -18.10 -0.47
C LYS A 36 14.19 -17.98 -1.38
N PRO A 37 14.36 -18.25 -2.68
CA PRO A 37 13.23 -18.12 -3.59
C PRO A 37 12.04 -18.94 -3.12
N PRO A 38 10.91 -18.28 -2.85
CA PRO A 38 9.77 -18.98 -2.24
C PRO A 38 9.13 -19.94 -3.22
N VAL A 39 9.93 -20.88 -3.69
CA VAL A 39 9.58 -21.63 -4.88
C VAL A 39 9.54 -23.12 -4.55
N GLU A 40 8.87 -23.86 -5.42
CA GLU A 40 8.53 -25.26 -5.19
C GLU A 40 8.02 -25.53 -3.78
N ASP A 41 8.81 -26.26 -2.98
CA ASP A 41 8.34 -26.63 -1.65
C ASP A 41 8.09 -25.42 -0.77
N LEU A 42 8.73 -24.29 -1.08
CA LEU A 42 8.60 -23.09 -0.27
C LEU A 42 7.49 -22.17 -0.74
N ARG A 43 6.74 -22.56 -1.77
CA ARG A 43 5.52 -21.84 -2.12
C ARG A 43 4.55 -21.88 -0.94
N PHE A 44 3.85 -20.76 -0.71
CA PHE A 44 2.88 -20.57 0.35
C PHE A 44 3.49 -20.59 1.76
N ARG A 45 4.78 -20.78 1.89
CA ARG A 45 5.35 -20.93 3.21
C ARG A 45 6.01 -19.63 3.63
N LYS A 46 6.28 -19.53 4.93
CA LYS A 46 7.01 -18.38 5.43
C LYS A 46 8.35 -18.28 4.69
N PRO A 47 8.87 -17.08 4.52
CA PRO A 47 10.16 -16.94 3.84
C PRO A 47 11.28 -17.44 4.74
N VAL A 48 12.29 -18.02 4.11
CA VAL A 48 13.45 -18.41 4.92
C VAL A 48 14.64 -17.57 4.46
N PRO A 49 15.48 -17.13 5.40
CA PRO A 49 16.59 -16.23 5.04
C PRO A 49 17.44 -16.82 3.92
N ALA A 50 17.97 -15.93 3.08
CA ALA A 50 18.67 -16.36 1.87
C ALA A 50 20.04 -16.96 2.22
N GLU A 51 20.40 -18.02 1.49
CA GLU A 51 21.70 -18.63 1.76
C GLU A 51 22.80 -17.62 1.44
N PRO A 52 23.75 -17.42 2.35
CA PRO A 52 24.85 -16.49 2.09
C PRO A 52 25.65 -16.90 0.85
N TRP A 53 26.26 -15.91 0.22
CA TRP A 53 27.01 -16.09 -1.01
C TRP A 53 28.41 -15.52 -0.82
N HIS A 54 29.29 -15.83 -1.76
CA HIS A 54 30.46 -14.98 -1.92
C HIS A 54 30.79 -14.84 -3.39
N GLY A 55 31.50 -13.77 -3.68
CA GLY A 55 31.56 -13.23 -5.02
C GLY A 55 30.71 -11.99 -5.00
N VAL A 56 31.15 -10.94 -5.68
CA VAL A 56 30.32 -9.74 -5.79
C VAL A 56 29.03 -10.15 -6.48
N LEU A 57 27.91 -9.94 -5.80
CA LEU A 57 26.60 -10.17 -6.40
C LEU A 57 26.23 -8.96 -7.23
N ASP A 58 25.93 -9.20 -8.52
CA ASP A 58 25.46 -8.16 -9.42
C ASP A 58 24.17 -7.53 -8.91
N ALA A 59 24.27 -6.39 -8.23
CA ALA A 59 23.07 -5.66 -7.84
C ALA A 59 22.95 -4.38 -8.67
N THR A 60 22.95 -4.54 -9.99
CA THR A 60 22.89 -3.42 -10.92
C THR A 60 21.69 -3.48 -11.84
N GLY A 61 20.98 -4.60 -11.92
CA GLY A 61 19.75 -4.70 -12.66
C GLY A 61 18.54 -4.70 -11.73
N LEU A 62 17.37 -4.56 -12.32
CA LEU A 62 16.15 -4.67 -11.53
C LEU A 62 15.81 -6.13 -11.29
N SER A 63 15.22 -6.38 -10.13
CA SER A 63 14.84 -7.73 -9.78
C SER A 63 13.51 -8.09 -10.43
N ALA A 64 13.12 -9.35 -10.24
CA ALA A 64 11.91 -9.89 -10.83
C ALA A 64 10.69 -9.26 -10.16
N THR A 65 9.53 -9.43 -10.80
CA THR A 65 8.26 -9.04 -10.20
C THR A 65 7.55 -10.29 -9.70
N CYS A 66 7.10 -10.24 -8.46
CA CYS A 66 6.31 -11.33 -7.88
C CYS A 66 5.08 -11.60 -8.74
N VAL A 67 4.69 -12.89 -8.81
CA VAL A 67 3.70 -13.29 -9.80
C VAL A 67 2.43 -12.49 -9.61
N GLN A 68 1.89 -11.98 -10.71
CA GLN A 68 0.64 -11.24 -10.71
C GLN A 68 0.15 -11.13 -12.14
N GLU A 69 -1.08 -10.61 -12.28
CA GLU A 69 -1.72 -10.36 -13.57
C GLU A 69 -1.69 -8.88 -13.88
N ARG A 70 -1.60 -8.56 -15.16
CA ARG A 70 -1.53 -7.17 -15.58
C ARG A 70 -2.90 -6.69 -16.01
N TYR A 71 -3.31 -5.55 -15.50
CA TYR A 71 -4.53 -4.91 -15.98
C TYR A 71 -4.30 -4.42 -17.40
N GLU A 72 -5.08 -4.92 -18.35
CA GLU A 72 -5.03 -4.46 -19.72
C GLU A 72 -6.38 -3.87 -20.13
N TYR A 73 -7.02 -3.14 -19.22
CA TYR A 73 -8.31 -2.54 -19.55
C TYR A 73 -8.18 -1.48 -20.62
N PHE A 74 -7.02 -0.84 -20.72
CA PHE A 74 -6.75 0.18 -21.74
C PHE A 74 -5.46 -0.20 -22.42
N PRO A 75 -5.52 -1.10 -23.42
CA PRO A 75 -4.30 -1.56 -24.09
C PRO A 75 -3.55 -0.39 -24.72
N GLY A 76 -2.30 -0.21 -24.32
CA GLY A 76 -1.48 0.84 -24.84
C GLY A 76 -1.54 2.15 -24.09
N PHE A 77 -2.57 2.36 -23.28
CA PHE A 77 -2.63 3.59 -22.49
C PHE A 77 -1.50 3.58 -21.48
N SER A 78 -0.60 4.55 -21.59
CA SER A 78 0.54 4.58 -20.68
C SER A 78 0.09 4.67 -19.23
N GLY A 79 -1.00 5.42 -18.96
CA GLY A 79 -1.45 5.62 -17.59
C GLY A 79 -1.81 4.34 -16.84
N GLU A 80 -2.25 3.31 -17.56
CA GLU A 80 -2.53 2.03 -16.90
C GLU A 80 -1.26 1.20 -16.71
N GLU A 81 -0.42 1.13 -17.74
CA GLU A 81 0.64 0.12 -17.71
C GLU A 81 1.88 0.55 -16.93
N ILE A 82 2.00 1.84 -16.59
CA ILE A 82 3.07 2.24 -15.68
C ILE A 82 2.91 1.63 -14.30
N TRP A 83 1.74 1.07 -14.00
CA TRP A 83 1.51 0.29 -12.79
C TRP A 83 1.64 -1.21 -13.04
N ASN A 84 1.78 -1.62 -14.26
CA ASN A 84 2.01 -3.02 -14.53
C ASN A 84 3.48 -3.39 -14.30
N PRO A 85 3.77 -4.66 -14.05
CA PRO A 85 5.16 -5.08 -13.86
C PRO A 85 6.04 -4.66 -15.03
N ASN A 86 7.20 -4.07 -14.73
CA ASN A 86 8.14 -3.65 -15.74
C ASN A 86 9.41 -4.50 -15.77
N THR A 87 9.48 -5.55 -14.95
CA THR A 87 10.45 -6.63 -15.10
C THR A 87 9.69 -7.95 -15.19
N ASN A 88 10.46 -9.01 -15.44
CA ASN A 88 9.86 -10.32 -15.61
C ASN A 88 9.14 -10.73 -14.35
N VAL A 89 7.99 -11.37 -14.53
CA VAL A 89 7.19 -11.93 -13.45
C VAL A 89 7.73 -13.33 -13.12
N SER A 90 7.93 -13.60 -11.83
CA SER A 90 8.35 -14.92 -11.39
C SER A 90 8.18 -15.07 -9.89
N GLU A 91 8.06 -16.34 -9.46
CA GLU A 91 7.99 -16.59 -8.01
C GLU A 91 9.30 -16.26 -7.32
N ASP A 92 10.42 -16.49 -8.00
CA ASP A 92 11.70 -16.01 -7.50
C ASP A 92 11.71 -14.49 -7.60
N CYS A 93 11.28 -13.82 -6.53
CA CYS A 93 11.13 -12.38 -6.55
C CYS A 93 11.53 -11.67 -5.26
N LEU A 94 11.90 -12.40 -4.21
CA LEU A 94 12.22 -11.79 -2.92
C LEU A 94 13.60 -11.13 -2.98
N TYR A 95 13.62 -9.87 -3.44
CA TYR A 95 14.84 -9.08 -3.55
C TYR A 95 14.64 -7.69 -2.97
N ILE A 96 15.74 -7.11 -2.48
CA ILE A 96 15.77 -5.83 -1.79
C ILE A 96 16.48 -4.84 -2.69
N ASN A 97 16.14 -3.56 -2.52
CA ASN A 97 16.83 -2.47 -3.19
C ASN A 97 17.27 -1.44 -2.15
N VAL A 98 18.48 -0.93 -2.29
CA VAL A 98 19.01 0.07 -1.39
C VAL A 98 19.52 1.24 -2.22
N TRP A 99 19.07 2.45 -1.89
CA TRP A 99 19.64 3.69 -2.43
C TRP A 99 20.39 4.35 -1.29
N ALA A 100 21.70 4.54 -1.46
CA ALA A 100 22.55 4.99 -0.37
C ALA A 100 23.39 6.16 -0.86
N PRO A 101 23.32 7.32 -0.21
CA PRO A 101 24.19 8.44 -0.62
C PRO A 101 25.65 8.08 -0.45
N ALA A 102 26.49 8.81 -1.20
CA ALA A 102 27.93 8.63 -1.28
C ALA A 102 28.62 8.38 0.06
N THR A 137 20.82 10.65 15.62
CA THR A 137 21.11 11.79 14.76
C THR A 137 22.45 11.65 14.03
N THR A 138 23.49 11.27 14.76
CA THR A 138 24.86 11.37 14.27
C THR A 138 25.54 10.02 14.01
N ASN A 139 24.83 8.90 14.14
CA ASN A 139 25.42 7.56 14.02
C ASN A 139 24.96 6.86 12.73
N GLY A 140 25.04 7.54 11.60
CA GLY A 140 24.54 7.01 10.36
C GLY A 140 23.32 7.78 9.86
N LEU A 141 22.98 7.50 8.60
CA LEU A 141 21.92 8.18 7.89
C LEU A 141 20.55 7.56 8.22
N PRO A 142 19.48 8.32 8.05
CA PRO A 142 18.14 7.74 8.23
C PRO A 142 17.84 6.77 7.11
N ILE A 143 17.06 5.73 7.44
CA ILE A 143 16.66 4.72 6.47
C ILE A 143 15.16 4.80 6.30
N LEU A 144 14.72 5.03 5.07
CA LEU A 144 13.32 4.97 4.72
C LEU A 144 13.09 3.71 3.92
N ILE A 145 12.05 2.96 4.28
CA ILE A 145 11.72 1.70 3.62
C ILE A 145 10.35 1.83 2.98
N TRP A 146 10.29 1.63 1.66
CA TRP A 146 9.06 1.72 0.88
C TRP A 146 8.42 0.34 0.67
N ILE A 147 7.13 0.22 0.99
CA ILE A 147 6.30 -0.93 0.65
C ILE A 147 5.25 -0.51 -0.36
N TYR A 148 5.27 -1.14 -1.53
CA TYR A 148 4.33 -0.74 -2.57
C TYR A 148 2.95 -1.28 -2.27
N GLY A 149 1.96 -0.72 -2.95
CA GLY A 149 0.62 -1.23 -2.92
C GLY A 149 0.23 -1.91 -4.22
N GLY A 150 -1.04 -2.25 -4.30
CA GLY A 150 -1.54 -3.06 -5.39
C GLY A 150 -2.54 -4.05 -4.86
N GLY A 151 -3.19 -3.70 -3.74
CA GLY A 151 -4.32 -4.46 -3.24
C GLY A 151 -3.98 -5.85 -2.77
N PHE A 152 -2.74 -6.06 -2.33
CA PHE A 152 -2.18 -7.35 -1.97
C PHE A 152 -2.28 -8.38 -3.09
N MET A 153 -2.56 -7.94 -4.33
CA MET A 153 -2.56 -8.81 -5.50
C MET A 153 -1.55 -8.43 -6.55
N THR A 154 -1.04 -7.22 -6.55
CA THR A 154 -0.20 -6.68 -7.61
C THR A 154 0.81 -5.75 -6.97
N GLY A 155 1.64 -5.15 -7.80
CA GLY A 155 2.60 -4.16 -7.34
C GLY A 155 4.02 -4.71 -7.38
N SER A 156 4.97 -3.78 -7.44
CA SER A 156 6.37 -4.13 -7.57
C SER A 156 7.22 -2.93 -7.14
N ALA A 157 8.26 -3.20 -6.34
CA ALA A 157 9.24 -2.16 -6.00
C ALA A 157 9.94 -1.60 -7.23
N THR A 158 9.85 -2.25 -8.39
CA THR A 158 10.67 -1.86 -9.55
C THR A 158 10.05 -0.79 -10.42
N LEU A 159 8.82 -0.36 -10.14
CA LEU A 159 8.19 0.63 -11.01
C LEU A 159 9.03 1.90 -11.02
N ASP A 160 9.12 2.53 -12.20
CA ASP A 160 9.81 3.82 -12.27
C ASP A 160 9.33 4.77 -11.18
N ILE A 161 8.02 4.77 -10.91
CA ILE A 161 7.44 5.74 -10.02
C ILE A 161 8.04 5.62 -8.62
N TYR A 162 8.50 4.43 -8.24
CA TYR A 162 9.12 4.17 -6.95
C TYR A 162 10.63 4.38 -6.96
N ASN A 163 11.17 4.95 -8.04
CA ASN A 163 12.59 5.27 -8.08
C ASN A 163 12.94 6.19 -6.93
N ALA A 164 13.79 5.69 -6.01
CA ALA A 164 14.24 6.47 -4.88
C ALA A 164 15.48 7.28 -5.17
N ASP A 165 15.82 7.50 -6.44
CA ASP A 165 17.05 8.22 -6.75
C ASP A 165 17.03 9.61 -6.17
N ILE A 166 15.98 10.38 -6.50
CA ILE A 166 15.92 11.78 -6.09
C ILE A 166 15.77 11.87 -4.57
N MET A 167 14.88 11.07 -3.99
CA MET A 167 14.65 11.14 -2.56
C MET A 167 15.94 10.94 -1.79
N ALA A 168 16.67 9.88 -2.13
CA ALA A 168 17.95 9.63 -1.49
C ALA A 168 18.89 10.80 -1.70
N ALA A 169 19.03 11.24 -2.95
CA ALA A 169 20.00 12.29 -3.26
C ALA A 169 19.67 13.57 -2.53
N VAL A 170 18.43 14.05 -2.69
CA VAL A 170 18.03 15.33 -2.11
C VAL A 170 17.82 15.21 -0.62
N GLY A 171 17.15 14.15 -0.18
CA GLY A 171 16.93 13.95 1.24
C GLY A 171 18.20 13.66 1.99
N ASN A 172 19.18 13.06 1.30
CA ASN A 172 20.40 12.55 1.90
C ASN A 172 20.04 11.52 2.97
N VAL A 173 19.30 10.50 2.53
CA VAL A 173 18.86 9.41 3.38
C VAL A 173 19.01 8.11 2.62
N ILE A 174 19.12 7.03 3.39
CA ILE A 174 19.01 5.69 2.82
C ILE A 174 17.54 5.42 2.51
N VAL A 175 17.26 5.01 1.28
CA VAL A 175 15.94 4.51 0.92
C VAL A 175 16.06 3.07 0.44
N ALA A 176 15.16 2.22 0.92
CA ALA A 176 15.12 0.83 0.55
C ALA A 176 13.72 0.44 0.14
N SER A 177 13.62 -0.46 -0.83
CA SER A 177 12.36 -1.07 -1.22
C SER A 177 12.63 -2.54 -1.48
N PHE A 178 11.55 -3.29 -1.69
CA PHE A 178 11.72 -4.73 -1.79
C PHE A 178 10.43 -5.35 -2.31
N GLN A 179 10.54 -6.53 -2.91
CA GLN A 179 9.37 -7.29 -3.27
C GLN A 179 8.88 -8.17 -2.11
N TYR A 180 7.58 -8.31 -2.04
CA TYR A 180 6.91 -9.20 -1.11
C TYR A 180 5.82 -9.94 -1.88
N ARG A 181 5.60 -11.19 -1.49
CA ARG A 181 4.65 -12.00 -2.24
C ARG A 181 3.23 -11.42 -2.13
N VAL A 182 2.56 -11.32 -3.27
CA VAL A 182 1.20 -10.81 -3.34
C VAL A 182 0.28 -11.92 -3.83
N GLY A 183 -1.02 -11.67 -3.72
CA GLY A 183 -1.98 -12.64 -4.15
C GLY A 183 -1.91 -13.93 -3.32
N ALA A 184 -2.41 -15.00 -3.94
CA ALA A 184 -2.48 -16.27 -3.23
C ALA A 184 -1.08 -16.74 -2.83
N PHE A 185 -0.06 -16.33 -3.57
CA PHE A 185 1.33 -16.66 -3.22
C PHE A 185 1.69 -16.07 -1.86
N GLY A 186 1.21 -14.88 -1.57
CA GLY A 186 1.52 -14.23 -0.32
C GLY A 186 0.50 -14.49 0.77
N PHE A 187 -0.70 -14.95 0.39
CA PHE A 187 -1.79 -14.90 1.36
C PHE A 187 -2.68 -16.13 1.41
N LEU A 188 -2.35 -17.21 0.69
CA LEU A 188 -3.11 -18.45 0.84
C LEU A 188 -3.11 -18.85 2.29
N HIS A 189 -4.30 -19.09 2.85
CA HIS A 189 -4.47 -19.28 4.28
C HIS A 189 -5.34 -20.49 4.49
N LEU A 190 -4.73 -21.60 4.96
CA LEU A 190 -5.47 -22.84 5.13
C LEU A 190 -5.17 -23.57 6.43
N ALA A 191 -4.29 -23.06 7.28
CA ALA A 191 -3.89 -23.80 8.46
C ALA A 191 -5.06 -24.25 9.32
N PRO A 192 -6.10 -23.45 9.55
CA PRO A 192 -7.22 -23.98 10.35
C PRO A 192 -7.89 -25.20 9.75
N GLU A 193 -7.87 -25.33 8.42
CA GLU A 193 -8.46 -26.48 7.74
C GLU A 193 -7.64 -27.75 7.90
N MET A 194 -6.47 -27.67 8.52
CA MET A 194 -5.51 -28.76 8.57
C MET A 194 -5.08 -29.03 10.00
N PRO A 195 -4.57 -30.23 10.28
CA PRO A 195 -4.11 -30.53 11.64
C PRO A 195 -2.95 -29.65 12.09
N SER A 196 -2.68 -29.75 13.39
CA SER A 196 -1.63 -28.93 14.00
C SER A 196 -0.31 -29.10 13.26
N GLU A 197 0.00 -30.35 12.89
CA GLU A 197 1.27 -30.69 12.27
C GLU A 197 1.54 -29.87 11.01
N PHE A 198 0.48 -29.54 10.27
CA PHE A 198 0.61 -28.87 8.98
C PHE A 198 0.46 -27.35 9.07
N ALA A 199 0.66 -26.77 10.25
CA ALA A 199 0.51 -25.32 10.42
C ALA A 199 1.29 -24.54 9.37
N GLU A 200 2.59 -24.82 9.24
CA GLU A 200 3.47 -24.07 8.34
C GLU A 200 3.28 -24.40 6.87
N GLU A 201 2.25 -25.18 6.55
CA GLU A 201 1.99 -25.51 5.16
C GLU A 201 1.40 -24.33 4.39
N ALA A 202 0.44 -23.62 4.96
CA ALA A 202 -0.14 -22.43 4.33
C ALA A 202 -0.65 -21.51 5.43
N PRO A 203 0.27 -20.89 6.18
CA PRO A 203 -0.15 -20.17 7.38
C PRO A 203 -0.90 -18.89 7.08
N GLY A 204 -0.72 -18.34 5.89
CA GLY A 204 -1.29 -17.07 5.52
C GLY A 204 -0.39 -15.91 5.91
N ASN A 205 -0.59 -14.79 5.24
CA ASN A 205 0.14 -13.56 5.50
C ASN A 205 1.64 -13.70 5.25
N VAL A 206 2.09 -14.68 4.44
CA VAL A 206 3.53 -14.82 4.26
C VAL A 206 4.11 -13.60 3.55
N GLY A 207 3.31 -12.92 2.71
CA GLY A 207 3.72 -11.63 2.17
C GLY A 207 4.06 -10.60 3.23
N LEU A 208 3.37 -10.62 4.37
CA LEU A 208 3.76 -9.77 5.50
C LEU A 208 4.94 -10.35 6.26
N TRP A 209 5.09 -11.68 6.26
CA TRP A 209 6.33 -12.25 6.73
C TRP A 209 7.51 -11.84 5.85
N ASP A 210 7.30 -11.82 4.53
CA ASP A 210 8.32 -11.33 3.61
C ASP A 210 8.80 -9.95 4.02
N GLN A 211 7.86 -9.00 4.14
CA GLN A 211 8.20 -7.63 4.50
C GLN A 211 8.93 -7.59 5.82
N ALA A 212 8.40 -8.29 6.83
CA ALA A 212 9.10 -8.45 8.09
C ALA A 212 10.54 -8.88 7.87
N LEU A 213 10.74 -9.84 6.96
CA LEU A 213 12.08 -10.36 6.73
C LEU A 213 12.97 -9.35 6.02
N ALA A 214 12.41 -8.55 5.10
CA ALA A 214 13.24 -7.56 4.41
C ALA A 214 13.57 -6.39 5.33
N ILE A 215 12.64 -6.02 6.20
CA ILE A 215 12.92 -4.96 7.15
C ILE A 215 13.99 -5.44 8.14
N ARG A 216 13.92 -6.72 8.54
CA ARG A 216 14.96 -7.26 9.41
C ARG A 216 16.31 -7.20 8.73
N TRP A 217 16.35 -7.63 7.45
CA TRP A 217 17.56 -7.55 6.66
C TRP A 217 18.12 -6.14 6.63
N LEU A 218 17.24 -5.14 6.52
CA LEU A 218 17.72 -3.77 6.41
C LEU A 218 18.23 -3.27 7.75
N LYS A 219 17.62 -3.69 8.86
CA LYS A 219 18.16 -3.33 10.17
C LYS A 219 19.54 -3.93 10.36
N ASP A 220 19.66 -5.21 9.99
CA ASP A 220 20.92 -5.92 10.14
C ASP A 220 22.02 -5.24 9.35
N ASN A 221 21.68 -4.68 8.19
CA ASN A 221 22.64 -4.19 7.22
C ASN A 221 22.60 -2.69 7.05
N ALA A 222 21.84 -2.01 7.91
CA ALA A 222 21.78 -0.54 7.85
C ALA A 222 23.17 0.07 7.89
N HIS A 223 23.99 -0.34 8.86
CA HIS A 223 25.31 0.27 9.02
C HIS A 223 26.19 0.04 7.80
N ALA A 224 26.05 -1.12 7.14
CA ALA A 224 26.89 -1.39 5.98
C ALA A 224 26.58 -0.46 4.81
N PHE A 225 25.43 0.22 4.82
CA PHE A 225 25.10 1.17 3.77
C PHE A 225 25.24 2.61 4.23
N GLY A 226 25.81 2.83 5.41
CA GLY A 226 25.86 4.14 6.02
C GLY A 226 24.59 4.54 6.73
N GLY A 227 23.70 3.59 7.01
CA GLY A 227 22.42 3.88 7.64
C GLY A 227 22.44 3.58 9.12
N ASN A 228 21.74 4.41 9.89
CA ASN A 228 21.54 4.20 11.32
C ASN A 228 20.34 3.27 11.50
N PRO A 229 20.54 2.04 11.95
CA PRO A 229 19.41 1.09 12.05
C PRO A 229 18.34 1.50 13.04
N GLU A 230 18.67 2.29 14.06
CA GLU A 230 17.63 2.75 14.97
C GLU A 230 16.85 3.94 14.40
N TRP A 231 17.18 4.37 13.19
CA TRP A 231 16.58 5.52 12.55
C TRP A 231 15.81 5.12 11.30
N MET A 232 14.83 4.24 11.44
CA MET A 232 14.10 3.71 10.29
C MET A 232 12.68 4.24 10.22
N THR A 233 12.21 4.47 9.01
CA THR A 233 10.86 4.96 8.77
C THR A 233 10.26 4.10 7.67
N LEU A 234 9.15 3.43 7.96
CA LEU A 234 8.38 2.77 6.92
C LEU A 234 7.43 3.75 6.23
N PHE A 235 7.25 3.57 4.93
CA PHE A 235 6.23 4.33 4.22
C PHE A 235 5.76 3.53 3.02
N GLY A 236 4.48 3.71 2.68
CA GLY A 236 3.83 3.00 1.59
C GLY A 236 2.47 3.61 1.27
N GLU A 237 1.81 3.01 0.28
CA GLU A 237 0.59 3.51 -0.32
C GLU A 237 -0.37 2.35 -0.55
N SER A 238 -1.71 2.62 -0.43
CA SER A 238 -2.75 1.59 -0.59
C SER A 238 -2.39 0.40 0.30
N ALA A 239 -2.24 -0.78 -0.29
CA ALA A 239 -1.89 -1.96 0.48
C ALA A 239 -0.51 -1.82 1.13
N GLY A 240 0.43 -1.13 0.49
CA GLY A 240 1.70 -0.87 1.14
C GLY A 240 1.55 -0.07 2.42
N SER A 241 0.74 0.99 2.37
CA SER A 241 0.38 1.73 3.56
C SER A 241 -0.20 0.82 4.63
N SER A 242 -1.21 0.03 4.28
CA SER A 242 -1.69 -0.92 5.29
C SER A 242 -0.59 -1.85 5.74
N SER A 243 0.37 -2.18 4.86
CA SER A 243 1.44 -3.06 5.33
C SER A 243 2.38 -2.34 6.29
N VAL A 244 2.69 -1.07 6.01
CA VAL A 244 3.37 -0.25 7.01
C VAL A 244 2.65 -0.37 8.35
N ASN A 245 1.34 -0.17 8.32
CA ASN A 245 0.48 -0.38 9.49
C ASN A 245 0.72 -1.74 10.15
N ALA A 246 0.65 -2.82 9.37
CA ALA A 246 0.80 -4.14 9.96
C ALA A 246 2.17 -4.32 10.59
N GLN A 247 3.23 -3.85 9.90
CA GLN A 247 4.58 -4.02 10.43
C GLN A 247 4.79 -3.20 11.69
N LEU A 248 4.13 -2.04 11.83
CA LEU A 248 4.28 -1.26 13.06
C LEU A 248 3.56 -1.92 14.23
N MET A 249 2.43 -2.57 13.97
CA MET A 249 1.53 -2.98 15.05
C MET A 249 1.57 -4.47 15.35
N SER A 250 2.11 -5.29 14.44
CA SER A 250 2.16 -6.72 14.65
C SER A 250 3.02 -7.06 15.85
N PRO A 251 2.57 -7.93 16.75
CA PRO A 251 3.47 -8.41 17.80
C PRO A 251 4.72 -9.07 17.23
N VAL A 252 4.62 -9.73 16.07
CA VAL A 252 5.76 -10.40 15.47
C VAL A 252 6.93 -9.44 15.25
N THR A 253 6.63 -8.16 15.01
CA THR A 253 7.62 -7.19 14.58
C THR A 253 7.65 -5.93 15.42
N ARG A 254 6.64 -5.66 16.24
CA ARG A 254 6.48 -4.33 16.83
C ARG A 254 7.70 -3.99 17.70
N GLY A 255 7.97 -2.68 17.77
CA GLY A 255 9.15 -2.16 18.42
C GLY A 255 10.31 -1.91 17.48
N LEU A 256 10.43 -2.73 16.44
CA LEU A 256 11.53 -2.56 15.49
C LEU A 256 11.45 -1.20 14.82
N VAL A 257 10.30 -0.89 14.23
CA VAL A 257 10.05 0.39 13.58
C VAL A 257 8.86 1.04 14.29
N LYS A 258 9.03 2.30 14.66
CA LYS A 258 8.00 3.03 15.38
C LYS A 258 7.74 4.38 14.72
N ARG A 259 8.04 4.50 13.43
CA ARG A 259 7.83 5.74 12.70
C ARG A 259 7.45 5.36 11.28
N GLY A 260 6.24 5.72 10.87
CA GLY A 260 5.69 5.23 9.62
C GLY A 260 4.85 6.29 8.94
N MET A 261 4.77 6.18 7.62
CA MET A 261 3.97 7.05 6.78
C MET A 261 3.01 6.18 6.00
N MET A 262 1.71 6.38 6.23
CA MET A 262 0.67 5.55 5.61
C MET A 262 -0.13 6.42 4.65
N GLN A 263 -0.02 6.14 3.36
CA GLN A 263 -0.70 6.90 2.30
C GLN A 263 -1.89 6.09 1.81
N SER A 264 -3.09 6.58 2.15
CA SER A 264 -4.36 6.00 1.72
C SER A 264 -4.46 4.51 2.04
N GLY A 265 -4.07 4.12 3.23
CA GLY A 265 -4.18 2.72 3.53
C GLY A 265 -3.95 2.39 4.98
N THR A 266 -4.99 1.81 5.59
CA THR A 266 -4.99 1.50 7.00
C THR A 266 -5.67 0.14 7.13
N MET A 267 -5.30 -0.60 8.18
CA MET A 267 -5.74 -1.97 8.31
C MET A 267 -7.22 -2.10 8.66
N ASN A 268 -7.80 -1.07 9.29
CA ASN A 268 -9.24 -1.10 9.54
C ASN A 268 -10.03 -1.02 8.24
N ALA A 269 -9.41 -0.59 7.15
CA ALA A 269 -10.11 -0.44 5.88
C ALA A 269 -10.67 -1.79 5.43
N PRO A 270 -11.85 -1.81 4.79
CA PRO A 270 -12.50 -3.10 4.46
C PRO A 270 -11.68 -3.98 3.54
N TRP A 271 -10.88 -3.41 2.66
CA TRP A 271 -10.10 -4.19 1.72
C TRP A 271 -8.78 -4.67 2.30
N SER A 272 -8.44 -4.29 3.52
CA SER A 272 -7.10 -4.47 4.07
C SER A 272 -7.08 -5.43 5.24
N HIS A 273 -8.19 -6.05 5.57
CA HIS A 273 -8.17 -7.14 6.54
C HIS A 273 -9.25 -8.12 6.17
N MET A 274 -9.09 -9.34 6.62
CA MET A 274 -9.99 -10.43 6.25
C MET A 274 -9.91 -11.45 7.36
N THR A 275 -11.07 -12.03 7.69
CA THR A 275 -11.08 -13.06 8.72
C THR A 275 -10.35 -14.30 8.23
N SER A 276 -10.04 -15.17 9.18
CA SER A 276 -9.44 -16.44 8.83
C SER A 276 -10.44 -17.32 8.08
N GLU A 277 -11.70 -17.34 8.54
CA GLU A 277 -12.70 -18.22 7.93
C GLU A 277 -12.99 -17.82 6.49
N LYS A 278 -12.97 -16.51 6.17
CA LYS A 278 -13.16 -16.11 4.78
C LYS A 278 -11.93 -16.45 3.96
N ALA A 279 -10.73 -16.21 4.52
CA ALA A 279 -9.48 -16.58 3.86
C ALA A 279 -9.47 -18.06 3.49
N VAL A 280 -9.77 -18.93 4.46
CA VAL A 280 -9.84 -20.37 4.19
C VAL A 280 -10.79 -20.65 3.03
N GLU A 281 -11.98 -20.04 3.05
CA GLU A 281 -12.96 -20.29 2.01
C GLU A 281 -12.43 -19.87 0.64
N ILE A 282 -11.79 -18.69 0.57
CA ILE A 282 -11.11 -18.28 -0.66
C ILE A 282 -10.05 -19.32 -1.04
N GLY A 283 -9.21 -19.69 -0.07
CA GLY A 283 -8.19 -20.69 -0.33
C GLY A 283 -8.77 -21.99 -0.86
N LYS A 284 -9.85 -22.46 -0.22
CA LYS A 284 -10.48 -23.71 -0.65
C LYS A 284 -11.00 -23.59 -2.07
N ALA A 285 -11.52 -22.42 -2.43
CA ALA A 285 -11.99 -22.21 -3.80
C ALA A 285 -10.83 -22.25 -4.78
N LEU A 286 -9.73 -21.55 -4.45
CA LEU A 286 -8.55 -21.55 -5.31
C LEU A 286 -8.03 -22.97 -5.53
N ILE A 287 -7.87 -23.73 -4.45
CA ILE A 287 -7.43 -25.12 -4.57
C ILE A 287 -8.34 -25.88 -5.51
N ASN A 288 -9.65 -25.71 -5.35
CA ASN A 288 -10.59 -26.29 -6.31
C ASN A 288 -10.38 -25.70 -7.69
N ASP A 289 -10.23 -24.38 -7.76
CA ASP A 289 -10.09 -23.69 -9.03
C ASP A 289 -8.86 -24.15 -9.80
N CYS A 290 -7.78 -24.52 -9.10
CA CYS A 290 -6.61 -25.10 -9.76
C CYS A 290 -6.67 -26.62 -9.83
N ASN A 291 -7.84 -27.21 -9.67
CA ASN A 291 -8.05 -28.63 -9.98
C ASN A 291 -7.25 -29.52 -9.02
N CYS A 292 -7.52 -29.34 -7.71
CA CYS A 292 -6.75 -30.03 -6.68
C CYS A 292 -7.65 -30.47 -5.52
N ASN A 293 -8.96 -30.55 -5.75
CA ASN A 293 -9.97 -31.17 -4.86
C ASN A 293 -10.34 -30.44 -3.56
N ALA A 294 -9.36 -30.03 -2.75
CA ALA A 294 -9.63 -29.16 -1.59
C ALA A 294 -10.53 -29.78 -0.51
N SER A 295 -11.44 -30.67 -0.89
CA SER A 295 -12.16 -31.43 0.11
C SER A 295 -11.30 -32.50 0.77
N MET A 296 -10.06 -32.71 0.33
CA MET A 296 -9.17 -33.61 1.03
C MET A 296 -8.24 -32.90 2.00
N LEU A 297 -8.43 -31.58 2.19
CA LEU A 297 -7.52 -30.78 3.01
C LEU A 297 -7.38 -31.32 4.42
N LYS A 298 -8.43 -31.96 4.95
CA LYS A 298 -8.42 -32.47 6.31
C LYS A 298 -7.96 -33.92 6.37
N THR A 299 -8.44 -34.74 5.43
CA THR A 299 -8.11 -36.17 5.42
C THR A 299 -6.65 -36.41 5.01
N ASN A 300 -6.16 -35.67 4.01
CA ASN A 300 -4.75 -35.75 3.62
C ASN A 300 -4.33 -34.41 3.06
N PRO A 301 -3.90 -33.49 3.91
CA PRO A 301 -3.47 -32.18 3.41
C PRO A 301 -2.20 -32.25 2.58
N ALA A 302 -1.25 -33.10 2.95
CA ALA A 302 0.04 -33.10 2.27
C ALA A 302 -0.13 -33.29 0.78
N HIS A 303 -1.05 -34.17 0.39
CA HIS A 303 -1.28 -34.42 -1.03
C HIS A 303 -1.93 -33.21 -1.72
N VAL A 304 -2.90 -32.57 -1.05
CA VAL A 304 -3.54 -31.37 -1.61
C VAL A 304 -2.52 -30.26 -1.79
N MET A 305 -1.58 -30.15 -0.88
CA MET A 305 -0.55 -29.13 -1.00
C MET A 305 0.48 -29.47 -2.08
N SER A 306 0.87 -30.74 -2.21
CA SER A 306 1.73 -31.12 -3.32
C SER A 306 1.08 -30.69 -4.63
N CYS A 307 -0.18 -31.09 -4.82
CA CYS A 307 -0.96 -30.73 -6.00
C CYS A 307 -0.85 -29.23 -6.28
N MET A 308 -1.02 -28.39 -5.24
CA MET A 308 -1.00 -26.94 -5.38
C MET A 308 0.39 -26.39 -5.62
N ARG A 309 1.43 -27.12 -5.26
CA ARG A 309 2.77 -26.71 -5.60
C ARG A 309 3.23 -27.22 -6.96
N SER A 310 2.49 -28.17 -7.56
CA SER A 310 2.73 -28.58 -8.94
C SER A 310 2.02 -27.67 -9.94
N VAL A 311 1.00 -26.93 -9.50
CA VAL A 311 0.27 -26.05 -10.40
C VAL A 311 1.21 -24.97 -10.89
N ASP A 312 1.12 -24.65 -12.19
CA ASP A 312 1.89 -23.54 -12.70
C ASP A 312 1.46 -22.23 -12.02
N ALA A 313 2.44 -21.37 -11.76
CA ALA A 313 2.13 -20.12 -11.09
C ALA A 313 1.10 -19.32 -11.86
N LYS A 314 1.15 -19.36 -13.19
CA LYS A 314 0.18 -18.61 -13.99
C LYS A 314 -1.24 -19.05 -13.69
N THR A 315 -1.44 -20.35 -13.44
CA THR A 315 -2.79 -20.83 -13.15
C THR A 315 -3.29 -20.28 -11.83
N ILE A 316 -2.48 -20.34 -10.77
CA ILE A 316 -2.83 -19.67 -9.53
C ILE A 316 -3.05 -18.18 -9.80
N SER A 317 -2.14 -17.57 -10.56
CA SER A 317 -2.20 -16.15 -10.85
C SER A 317 -3.55 -15.74 -11.40
N VAL A 318 -4.22 -16.63 -12.12
CA VAL A 318 -5.52 -16.33 -12.73
C VAL A 318 -6.68 -16.77 -11.84
N GLN A 319 -6.65 -18.03 -11.40
CA GLN A 319 -7.78 -18.61 -10.68
C GLN A 319 -8.03 -17.96 -9.32
N GLN A 320 -7.01 -17.33 -8.72
CA GLN A 320 -7.25 -16.63 -7.47
C GLN A 320 -8.26 -15.50 -7.66
N TRP A 321 -8.32 -14.94 -8.87
CA TRP A 321 -9.21 -13.83 -9.14
C TRP A 321 -10.67 -14.25 -9.26
N ASN A 322 -10.96 -15.54 -9.43
CA ASN A 322 -12.34 -16.00 -9.42
C ASN A 322 -13.07 -15.60 -8.14
N SER A 323 -12.33 -15.43 -7.05
CA SER A 323 -12.91 -15.07 -5.77
C SER A 323 -13.02 -13.57 -5.58
N TYR A 324 -12.97 -12.80 -6.66
CA TYR A 324 -13.10 -11.34 -6.61
C TYR A 324 -14.49 -10.97 -7.12
N SER A 325 -15.44 -10.81 -6.20
CA SER A 325 -16.71 -10.18 -6.51
C SER A 325 -17.01 -9.15 -5.45
N GLY A 326 -17.24 -7.91 -5.89
CA GLY A 326 -17.19 -6.80 -4.99
C GLY A 326 -16.03 -5.89 -5.34
N ILE A 327 -16.34 -4.63 -5.65
CA ILE A 327 -15.29 -3.63 -5.84
C ILE A 327 -14.51 -3.50 -4.53
N LEU A 328 -13.19 -3.46 -4.65
CA LEU A 328 -12.29 -3.21 -3.51
C LEU A 328 -12.34 -4.31 -2.46
N SER A 329 -12.56 -5.56 -2.87
CA SER A 329 -12.60 -6.64 -1.89
C SER A 329 -11.79 -7.82 -2.46
N PHE A 330 -10.49 -7.71 -2.39
CA PHE A 330 -9.61 -8.67 -3.03
C PHE A 330 -9.57 -9.99 -2.27
N PRO A 331 -9.32 -11.10 -2.97
CA PRO A 331 -9.20 -12.41 -2.29
C PRO A 331 -8.01 -12.55 -1.38
N SER A 332 -7.06 -11.62 -1.41
CA SER A 332 -5.91 -11.67 -0.54
C SER A 332 -5.85 -10.41 0.29
N ALA A 333 -5.61 -10.57 1.57
CA ALA A 333 -5.54 -9.43 2.45
C ALA A 333 -4.92 -9.87 3.76
N PRO A 334 -4.32 -8.97 4.50
CA PRO A 334 -3.91 -9.30 5.87
C PRO A 334 -5.02 -10.03 6.61
N THR A 335 -4.69 -11.23 7.09
CA THR A 335 -5.66 -12.18 7.61
C THR A 335 -5.46 -12.36 9.10
N ILE A 336 -6.57 -12.40 9.86
CA ILE A 336 -6.51 -12.67 11.30
C ILE A 336 -5.97 -14.08 11.50
N ASP A 337 -4.74 -14.20 11.97
CA ASP A 337 -4.08 -15.50 12.07
C ASP A 337 -3.65 -15.85 13.49
N GLY A 338 -3.89 -15.00 14.47
CA GLY A 338 -3.41 -15.27 15.82
C GLY A 338 -1.91 -15.42 15.83
N ALA A 339 -1.22 -14.56 15.08
CA ALA A 339 0.20 -14.67 14.83
C ALA A 339 0.72 -13.32 14.39
N PHE A 340 0.80 -13.11 13.07
CA PHE A 340 1.18 -11.79 12.60
C PHE A 340 0.09 -10.77 12.90
N LEU A 341 -1.17 -11.14 12.68
CA LEU A 341 -2.31 -10.26 12.95
C LEU A 341 -3.21 -11.02 13.91
N PRO A 342 -2.97 -10.92 15.23
CA PRO A 342 -3.69 -11.77 16.18
C PRO A 342 -5.14 -11.36 16.46
N ALA A 343 -5.57 -10.16 16.07
CA ALA A 343 -6.95 -9.77 16.27
C ALA A 343 -7.36 -8.85 15.13
N ASP A 344 -8.65 -8.50 15.11
CA ASP A 344 -9.16 -7.51 14.16
C ASP A 344 -8.53 -6.14 14.43
N PRO A 345 -8.02 -5.44 13.39
CA PRO A 345 -7.19 -4.24 13.61
C PRO A 345 -7.71 -3.21 14.61
N MET A 346 -9.01 -3.14 14.88
CA MET A 346 -9.47 -2.15 15.86
C MET A 346 -9.53 -2.69 17.29
N THR A 347 -9.64 -4.01 17.47
CA THR A 347 -9.50 -4.59 18.81
C THR A 347 -8.05 -4.70 19.24
N LEU A 348 -7.09 -4.56 18.31
CA LEU A 348 -5.67 -4.47 18.67
C LEU A 348 -5.39 -3.21 19.48
N MET A 349 -6.00 -2.09 19.10
CA MET A 349 -5.58 -0.80 19.61
C MET A 349 -6.08 -0.53 21.03
N LYS A 350 -7.21 -1.10 21.43
CA LYS A 350 -7.78 -0.78 22.74
C LYS A 350 -6.87 -1.18 23.90
N THR A 351 -5.68 -1.74 23.60
CA THR A 351 -4.83 -2.26 24.66
C THR A 351 -3.35 -1.90 24.55
N ALA A 352 -2.88 -1.37 23.43
CA ALA A 352 -1.45 -1.07 23.25
C ALA A 352 -1.23 0.43 23.10
N ASP A 353 -0.22 0.94 23.80
CA ASP A 353 0.10 2.36 23.80
C ASP A 353 1.21 2.66 22.80
N LEU A 354 1.14 3.87 22.23
CA LEU A 354 1.88 4.27 21.06
C LEU A 354 2.60 5.59 21.27
N LYS A 355 2.93 5.91 22.52
CA LYS A 355 3.47 7.24 22.81
C LYS A 355 4.75 7.51 22.05
N ASP A 356 5.48 6.48 21.65
CA ASP A 356 6.75 6.65 20.96
C ASP A 356 6.62 6.50 19.44
N TYR A 357 5.41 6.40 18.92
CA TYR A 357 5.18 6.21 17.50
C TYR A 357 4.94 7.56 16.82
N ASP A 358 5.57 7.75 15.67
CA ASP A 358 5.34 8.92 14.82
C ASP A 358 4.69 8.43 13.54
N ILE A 359 3.58 9.05 13.18
CA ILE A 359 2.75 8.58 12.09
C ILE A 359 2.41 9.78 11.24
N LEU A 360 2.74 9.71 9.96
CA LEU A 360 2.34 10.67 8.95
C LEU A 360 1.37 9.93 8.04
N MET A 361 0.16 10.45 7.87
CA MET A 361 -0.81 9.73 7.06
C MET A 361 -1.72 10.72 6.38
N GLY A 362 -2.43 10.24 5.36
CA GLY A 362 -3.29 11.12 4.60
C GLY A 362 -3.99 10.43 3.45
N ASN A 363 -4.44 11.24 2.49
CA ASN A 363 -5.38 10.79 1.48
C ASN A 363 -5.29 11.72 0.27
N VAL A 364 -5.79 11.25 -0.86
CA VAL A 364 -5.93 12.09 -2.03
C VAL A 364 -7.39 12.50 -2.15
N ARG A 365 -7.65 13.50 -3.00
CA ARG A 365 -9.01 14.05 -3.06
C ARG A 365 -9.98 13.07 -3.69
N ASP A 366 -9.55 12.32 -4.69
CA ASP A 366 -10.48 11.45 -5.41
C ASP A 366 -10.01 10.01 -5.34
N GLU A 367 -9.98 9.50 -4.11
CA GLU A 367 -9.56 8.14 -3.83
C GLU A 367 -10.25 7.09 -4.70
N GLY A 368 -11.51 7.30 -5.03
CA GLY A 368 -12.30 6.20 -5.56
C GLY A 368 -12.50 6.23 -7.05
N THR A 369 -11.99 7.24 -7.76
CA THR A 369 -12.36 7.39 -9.15
C THR A 369 -11.85 6.23 -10.00
N TYR A 370 -10.60 5.80 -9.83
CA TYR A 370 -10.12 4.78 -10.77
C TYR A 370 -10.62 3.39 -10.41
N PHE A 371 -10.86 3.14 -9.12
CA PHE A 371 -11.55 1.91 -8.75
C PHE A 371 -12.95 1.86 -9.34
N LEU A 372 -13.65 3.00 -9.35
CA LEU A 372 -14.98 3.01 -9.91
C LEU A 372 -14.94 2.87 -11.42
N LEU A 373 -13.98 3.52 -12.09
CA LEU A 373 -13.88 3.36 -13.53
C LEU A 373 -13.55 1.92 -13.92
N TYR A 374 -12.71 1.24 -13.12
CA TYR A 374 -12.35 -0.12 -13.48
C TYR A 374 -13.48 -1.10 -13.18
N ASP A 375 -14.11 -0.98 -12.02
CA ASP A 375 -15.14 -1.96 -11.68
C ASP A 375 -16.46 -1.69 -12.38
N PHE A 376 -16.62 -0.51 -12.98
CA PHE A 376 -17.84 -0.17 -13.69
C PHE A 376 -17.51 0.43 -15.04
N ILE A 377 -16.54 -0.18 -15.72
CA ILE A 377 -16.07 0.33 -17.00
C ILE A 377 -17.18 0.29 -18.06
N ASP A 378 -18.17 -0.58 -17.90
CA ASP A 378 -19.33 -0.56 -18.79
C ASP A 378 -20.01 0.81 -18.74
N TYR A 379 -20.09 1.40 -17.55
CA TYR A 379 -20.83 2.64 -17.34
C TYR A 379 -20.00 3.87 -17.72
N PHE A 380 -18.69 3.81 -17.47
CA PHE A 380 -17.86 5.01 -17.44
C PHE A 380 -16.76 4.96 -18.48
N ASP A 381 -16.17 6.12 -18.71
CA ASP A 381 -15.14 6.30 -19.71
C ASP A 381 -13.85 6.76 -19.03
N LYS A 382 -12.73 6.48 -19.70
CA LYS A 382 -11.43 6.86 -19.16
C LYS A 382 -11.21 8.36 -19.28
N ASP A 383 -11.66 8.96 -20.38
CA ASP A 383 -11.27 10.32 -20.73
C ASP A 383 -12.31 11.37 -20.40
N ASP A 384 -13.59 11.10 -20.66
CA ASP A 384 -14.66 12.06 -20.46
C ASP A 384 -15.65 11.58 -19.41
N ALA A 385 -16.42 12.53 -18.91
CA ALA A 385 -17.34 12.27 -17.82
C ALA A 385 -18.60 11.59 -18.35
N THR A 386 -19.31 10.95 -17.44
CA THR A 386 -20.54 10.23 -17.78
C THR A 386 -21.73 10.93 -17.14
N ALA A 387 -22.70 11.35 -17.96
CA ALA A 387 -23.98 11.80 -17.43
C ALA A 387 -24.79 10.60 -16.93
N LEU A 388 -24.58 10.23 -15.67
CA LEU A 388 -25.17 9.02 -15.10
C LEU A 388 -26.59 9.28 -14.65
N PRO A 389 -27.61 8.61 -15.24
CA PRO A 389 -29.00 8.86 -14.84
C PRO A 389 -29.27 8.47 -13.40
N ARG A 390 -30.47 8.71 -12.89
CA ARG A 390 -30.67 8.43 -11.48
C ARG A 390 -30.84 6.95 -11.21
N ASP A 391 -31.47 6.20 -12.13
CA ASP A 391 -31.63 4.77 -11.91
C ASP A 391 -30.28 4.05 -11.97
N LYS A 392 -29.39 4.50 -12.84
CA LYS A 392 -28.07 3.88 -12.92
C LYS A 392 -27.14 4.40 -11.84
N TYR A 393 -27.42 5.57 -11.26
CA TYR A 393 -26.78 5.93 -10.00
C TYR A 393 -27.18 4.94 -8.91
N LEU A 394 -28.46 4.55 -8.89
CA LEU A 394 -28.91 3.57 -7.91
C LEU A 394 -28.34 2.18 -8.21
N GLU A 395 -28.34 1.81 -9.49
CA GLU A 395 -27.79 0.51 -9.90
C GLU A 395 -26.39 0.31 -9.36
N ILE A 396 -25.54 1.33 -9.50
CA ILE A 396 -24.16 1.21 -9.06
C ILE A 396 -24.07 1.29 -7.53
N MET A 397 -24.72 2.30 -6.93
CA MET A 397 -24.68 2.45 -5.49
C MET A 397 -25.18 1.19 -4.80
N ASN A 398 -26.31 0.65 -5.26
CA ASN A 398 -26.90 -0.48 -4.58
C ASN A 398 -26.05 -1.72 -4.76
N ASN A 399 -25.20 -1.73 -5.76
CA ASN A 399 -24.29 -2.85 -5.94
C ASN A 399 -23.08 -2.72 -5.02
N ILE A 400 -22.36 -1.61 -5.13
CA ILE A 400 -21.16 -1.36 -4.32
C ILE A 400 -21.42 -1.65 -2.85
N PHE A 401 -22.60 -1.28 -2.38
CA PHE A 401 -22.98 -1.44 -0.97
C PHE A 401 -24.08 -2.48 -0.80
N GLY A 402 -24.12 -3.46 -1.71
CA GLY A 402 -25.10 -4.53 -1.65
C GLY A 402 -25.03 -5.33 -0.37
N LYS A 403 -23.86 -5.37 0.26
CA LYS A 403 -23.67 -6.16 1.48
C LYS A 403 -24.01 -5.38 2.76
N ALA A 404 -24.16 -4.06 2.68
CA ALA A 404 -24.70 -3.31 3.80
C ALA A 404 -26.21 -3.50 3.87
N THR A 405 -26.77 -3.29 5.07
CA THR A 405 -28.23 -3.35 5.20
C THR A 405 -28.88 -2.31 4.29
N GLN A 406 -30.19 -2.47 4.08
CA GLN A 406 -30.86 -1.49 3.23
C GLN A 406 -31.05 -0.16 3.94
N ALA A 407 -31.15 -0.17 5.29
CA ALA A 407 -31.13 1.08 6.02
C ALA A 407 -29.80 1.81 5.86
N GLU A 408 -28.70 1.07 5.62
CA GLU A 408 -27.46 1.75 5.28
C GLU A 408 -27.45 2.20 3.84
N ARG A 409 -27.89 1.31 2.94
CA ARG A 409 -27.93 1.65 1.52
C ARG A 409 -28.75 2.90 1.29
N GLU A 410 -29.97 2.94 1.84
CA GLU A 410 -30.81 4.13 1.73
C GLU A 410 -30.12 5.34 2.33
N ALA A 411 -29.44 5.16 3.48
CA ALA A 411 -28.73 6.28 4.10
C ALA A 411 -27.56 6.72 3.25
N ILE A 412 -26.80 5.78 2.71
CA ILE A 412 -25.65 6.12 1.87
C ILE A 412 -26.13 6.79 0.58
N ILE A 413 -27.09 6.17 -0.11
CA ILE A 413 -27.65 6.76 -1.32
C ILE A 413 -28.17 8.16 -1.06
N PHE A 414 -28.79 8.38 0.10
CA PHE A 414 -29.26 9.72 0.38
C PHE A 414 -28.09 10.66 0.67
N GLN A 415 -27.04 10.16 1.30
CA GLN A 415 -25.91 11.01 1.65
C GLN A 415 -25.15 11.46 0.40
N TYR A 416 -25.22 10.69 -0.68
CA TYR A 416 -24.49 11.00 -1.89
C TYR A 416 -25.40 11.32 -3.06
N THR A 417 -26.63 11.73 -2.78
CA THR A 417 -27.51 12.19 -3.84
C THR A 417 -27.14 13.62 -4.21
N SER A 418 -26.80 13.82 -5.47
CA SER A 418 -26.60 15.18 -5.93
C SER A 418 -27.94 15.86 -6.10
N TRP A 419 -27.95 17.16 -5.88
CA TRP A 419 -29.09 17.96 -6.30
C TRP A 419 -28.70 19.08 -7.24
N GLU A 420 -27.56 19.71 -7.00
CA GLU A 420 -27.06 20.82 -7.81
C GLU A 420 -25.85 20.36 -8.61
N GLY A 421 -25.31 21.28 -9.41
CA GLY A 421 -24.07 21.04 -10.12
C GLY A 421 -24.19 20.27 -11.40
N ASN A 422 -25.36 20.34 -12.08
CA ASN A 422 -25.67 19.63 -13.32
C ASN A 422 -25.73 18.13 -13.07
N PRO A 423 -26.88 17.51 -13.28
CA PRO A 423 -27.03 16.08 -12.94
C PRO A 423 -26.11 15.22 -13.79
N GLY A 424 -26.06 13.94 -13.45
CA GLY A 424 -25.34 13.00 -14.28
C GLY A 424 -23.84 13.06 -14.07
N TYR A 425 -23.18 14.13 -14.56
CA TYR A 425 -21.80 14.36 -14.15
C TYR A 425 -21.70 14.33 -12.63
N GLN A 426 -22.66 14.99 -11.97
CA GLN A 426 -22.64 15.06 -10.52
C GLN A 426 -22.85 13.69 -9.88
N ASN A 427 -23.72 12.88 -10.46
CA ASN A 427 -23.97 11.54 -9.93
C ASN A 427 -22.71 10.68 -9.97
N GLN A 428 -22.02 10.69 -11.10
CA GLN A 428 -20.74 9.99 -11.19
C GLN A 428 -19.76 10.53 -10.16
N GLN A 429 -19.76 11.84 -9.96
CA GLN A 429 -18.85 12.43 -8.99
C GLN A 429 -19.15 11.95 -7.59
N GLN A 430 -20.43 11.73 -7.27
CA GLN A 430 -20.82 11.34 -5.92
C GLN A 430 -20.53 9.86 -5.64
N ILE A 431 -20.79 8.99 -6.62
CA ILE A 431 -20.44 7.58 -6.43
C ILE A 431 -18.94 7.43 -6.26
N GLY A 432 -18.15 8.23 -6.99
CA GLY A 432 -16.72 8.24 -6.76
C GLY A 432 -16.36 8.68 -5.36
N ARG A 433 -16.97 9.79 -4.92
CA ARG A 433 -16.76 10.25 -3.55
C ARG A 433 -17.12 9.16 -2.56
N ALA A 434 -18.25 8.50 -2.77
CA ALA A 434 -18.68 7.50 -1.80
C ALA A 434 -17.65 6.39 -1.69
N VAL A 435 -17.16 5.89 -2.83
CA VAL A 435 -16.16 4.83 -2.86
C VAL A 435 -14.88 5.30 -2.17
N GLY A 436 -14.31 6.41 -2.65
CA GLY A 436 -13.17 7.00 -1.98
C GLY A 436 -13.36 7.17 -0.48
N ASP A 437 -14.50 7.73 -0.08
CA ASP A 437 -14.74 8.03 1.33
C ASP A 437 -14.88 6.75 2.14
N HIS A 438 -15.71 5.81 1.68
CA HIS A 438 -15.91 4.59 2.45
C HIS A 438 -14.65 3.72 2.49
N PHE A 439 -13.90 3.66 1.39
CA PHE A 439 -12.84 2.66 1.33
C PHE A 439 -11.49 3.16 1.79
N PHE A 440 -11.22 4.45 1.69
CA PHE A 440 -9.91 4.97 2.06
C PHE A 440 -10.01 6.14 3.04
N THR A 441 -10.55 7.27 2.59
CA THR A 441 -10.41 8.50 3.38
C THR A 441 -10.99 8.35 4.78
N CYS A 442 -12.19 7.77 4.92
CA CYS A 442 -12.77 7.67 6.26
C CYS A 442 -12.17 6.56 7.15
N PRO A 443 -11.78 5.40 6.59
CA PRO A 443 -11.00 4.44 7.40
C PRO A 443 -9.69 5.04 7.87
N THR A 444 -8.95 5.73 6.97
CA THR A 444 -7.72 6.44 7.37
C THR A 444 -8.03 7.43 8.48
N ASN A 445 -9.03 8.28 8.27
CA ASN A 445 -9.46 9.22 9.29
C ASN A 445 -9.73 8.51 10.61
N GLU A 446 -10.52 7.43 10.56
CA GLU A 446 -10.84 6.72 11.80
C GLU A 446 -9.59 6.18 12.47
N TYR A 447 -8.68 5.58 11.69
CA TYR A 447 -7.46 5.03 12.27
C TYR A 447 -6.55 6.13 12.79
N ALA A 448 -6.48 7.26 12.08
CA ALA A 448 -5.72 8.40 12.56
C ALA A 448 -6.23 8.87 13.92
N GLN A 449 -7.56 8.90 14.11
CA GLN A 449 -8.06 9.33 15.41
C GLN A 449 -7.72 8.30 16.48
N ALA A 450 -7.88 7.02 16.16
CA ALA A 450 -7.56 5.97 17.13
C ALA A 450 -6.06 5.93 17.43
N LEU A 451 -5.20 6.24 16.45
CA LEU A 451 -3.78 6.26 16.76
C LEU A 451 -3.43 7.40 17.69
N ALA A 452 -4.01 8.58 17.44
CA ALA A 452 -3.74 9.72 18.31
C ALA A 452 -4.23 9.44 19.73
N GLU A 453 -5.36 8.78 19.88
CA GLU A 453 -5.89 8.56 21.22
C GLU A 453 -4.97 7.69 22.05
N ARG A 454 -4.20 6.82 21.42
CA ARG A 454 -3.33 5.94 22.19
C ARG A 454 -1.88 6.44 22.20
N GLY A 455 -1.66 7.71 21.89
CA GLY A 455 -0.41 8.39 22.17
C GLY A 455 0.43 8.73 20.95
N ALA A 456 0.18 8.10 19.81
CA ALA A 456 1.00 8.32 18.62
C ALA A 456 0.90 9.78 18.16
N SER A 457 2.04 10.34 17.79
CA SER A 457 2.07 11.70 17.25
C SER A 457 1.71 11.61 15.77
N VAL A 458 0.45 11.91 15.46
CA VAL A 458 -0.10 11.74 14.11
C VAL A 458 -0.08 13.08 13.40
N HIS A 459 0.34 13.07 12.14
CA HIS A 459 0.23 14.22 11.27
C HIS A 459 -0.52 13.79 10.03
N TYR A 460 -1.49 14.59 9.62
CA TYR A 460 -2.46 14.23 8.59
C TYR A 460 -2.29 15.18 7.42
N TYR A 461 -2.35 14.66 6.20
CA TYR A 461 -2.25 15.47 4.99
C TYR A 461 -3.40 15.11 4.08
N TYR A 462 -3.69 16.01 3.14
CA TYR A 462 -4.73 15.82 2.14
C TYR A 462 -4.21 16.35 0.81
N PHE A 463 -4.11 15.49 -0.19
CA PHE A 463 -3.45 15.82 -1.44
C PHE A 463 -4.50 16.18 -2.49
N THR A 464 -4.46 17.42 -2.98
CA THR A 464 -5.57 17.88 -3.82
C THR A 464 -5.10 18.41 -5.15
N HIS A 465 -3.85 18.15 -5.53
CA HIS A 465 -3.36 18.61 -6.82
C HIS A 465 -3.56 17.54 -7.87
N ARG A 466 -4.23 17.91 -8.96
CA ARG A 466 -4.29 17.07 -10.14
C ARG A 466 -3.12 17.47 -11.04
N THR A 467 -2.18 16.54 -11.22
CA THR A 467 -0.98 16.86 -12.00
C THR A 467 -1.38 17.31 -13.41
N SER A 468 -0.64 18.28 -13.92
CA SER A 468 -0.99 18.91 -15.19
C SER A 468 -0.93 17.91 -16.34
N THR A 469 0.05 17.01 -16.31
CA THR A 469 0.20 16.05 -17.39
C THR A 469 -0.70 14.84 -17.24
N SER A 470 -1.44 14.72 -16.15
CA SER A 470 -2.32 13.58 -15.97
C SER A 470 -3.18 13.38 -17.20
N LEU A 471 -3.05 12.22 -17.83
CA LEU A 471 -3.91 11.90 -18.96
C LEU A 471 -5.06 10.97 -18.58
N TRP A 472 -5.30 10.78 -17.29
CA TRP A 472 -6.59 10.25 -16.88
C TRP A 472 -7.66 11.28 -17.14
N GLY A 473 -8.92 10.84 -17.15
CA GLY A 473 -10.01 11.75 -17.42
C GLY A 473 -10.14 12.81 -16.35
N GLU A 474 -10.55 14.01 -16.77
CA GLU A 474 -10.64 15.12 -15.83
C GLU A 474 -11.60 14.80 -14.69
N TRP A 475 -12.72 14.14 -15.01
CA TRP A 475 -13.70 13.77 -13.99
C TRP A 475 -13.11 12.88 -12.91
N MET A 476 -12.03 12.14 -13.21
CA MET A 476 -11.43 11.27 -12.22
C MET A 476 -10.60 12.02 -11.20
N GLY A 477 -10.48 13.34 -11.36
CA GLY A 477 -9.91 14.19 -10.32
C GLY A 477 -8.47 13.86 -9.98
N VAL A 478 -8.20 13.79 -8.68
CA VAL A 478 -6.89 13.53 -8.11
C VAL A 478 -6.87 12.07 -7.72
N LEU A 479 -6.32 11.23 -8.59
CA LEU A 479 -6.42 9.78 -8.45
C LEU A 479 -5.71 9.25 -7.20
N HIS A 480 -6.29 8.20 -6.64
CA HIS A 480 -5.58 7.32 -5.72
C HIS A 480 -4.20 6.98 -6.29
N GLY A 481 -3.14 7.32 -5.56
CA GLY A 481 -1.78 7.05 -6.01
C GLY A 481 -1.10 8.21 -6.71
N ASP A 482 -1.87 9.18 -7.22
CA ASP A 482 -1.33 10.42 -7.79
C ASP A 482 -0.32 11.10 -6.88
N GLU A 483 -0.34 10.82 -5.59
CA GLU A 483 0.55 11.53 -4.67
C GLU A 483 1.92 10.88 -4.57
N ILE A 484 2.04 9.61 -4.97
CA ILE A 484 3.27 8.86 -4.73
C ILE A 484 4.47 9.59 -5.32
N GLU A 485 4.38 9.96 -6.60
CA GLU A 485 5.50 10.61 -7.28
C GLU A 485 5.90 11.91 -6.58
N TYR A 486 4.92 12.65 -6.06
CA TYR A 486 5.23 13.91 -5.40
C TYR A 486 6.06 13.67 -4.14
N PHE A 487 5.59 12.75 -3.29
CA PHE A 487 6.34 12.38 -2.09
C PHE A 487 7.71 11.79 -2.40
N PHE A 488 7.89 11.18 -3.59
CA PHE A 488 9.21 10.71 -4.00
C PHE A 488 10.05 11.81 -4.61
N GLY A 489 9.49 12.99 -4.80
CA GLY A 489 10.26 14.07 -5.37
C GLY A 489 10.40 14.02 -6.87
N GLN A 490 9.56 13.25 -7.57
CA GLN A 490 9.75 13.14 -9.01
C GLN A 490 9.58 14.46 -9.75
N PRO A 491 8.70 15.39 -9.35
CA PRO A 491 8.67 16.68 -10.05
C PRO A 491 10.01 17.41 -10.04
N LEU A 492 10.93 17.04 -9.15
CA LEU A 492 12.26 17.62 -9.23
C LEU A 492 13.05 17.10 -10.42
N ASN A 493 12.61 16.00 -11.02
CA ASN A 493 13.26 15.47 -12.21
C ASN A 493 12.99 16.44 -13.36
N ASN A 494 14.01 17.20 -13.75
CA ASN A 494 13.84 18.20 -14.79
C ASN A 494 13.57 17.62 -16.15
N SER A 495 13.71 16.30 -16.31
CA SER A 495 13.49 15.65 -17.60
C SER A 495 12.04 15.25 -17.82
N LEU A 496 11.24 15.13 -16.75
CA LEU A 496 9.81 14.95 -16.86
C LEU A 496 9.12 16.31 -16.87
N GLN A 497 7.98 16.37 -17.55
CA GLN A 497 7.28 17.63 -17.75
C GLN A 497 6.40 17.93 -16.54
N TYR A 498 6.70 19.05 -15.87
CA TYR A 498 5.93 19.54 -14.75
C TYR A 498 5.96 21.07 -14.79
N ARG A 499 4.98 21.68 -14.17
CA ARG A 499 4.98 23.12 -14.05
C ARG A 499 5.81 23.54 -12.85
N PRO A 500 6.31 24.77 -12.83
CA PRO A 500 7.13 25.21 -11.67
C PRO A 500 6.45 25.00 -10.32
N VAL A 501 5.16 25.26 -10.18
CA VAL A 501 4.53 25.03 -8.87
C VAL A 501 4.44 23.55 -8.56
N GLU A 502 4.34 22.71 -9.59
CA GLU A 502 4.35 21.27 -9.32
C GLU A 502 5.71 20.83 -8.80
N ARG A 503 6.80 21.37 -9.36
CA ARG A 503 8.12 21.06 -8.80
C ARG A 503 8.26 21.62 -7.39
N GLU A 504 7.65 22.79 -7.14
CA GLU A 504 7.59 23.29 -5.78
C GLU A 504 6.85 22.32 -4.87
N LEU A 505 5.70 21.80 -5.34
CA LEU A 505 4.93 20.87 -4.51
C LEU A 505 5.72 19.57 -4.26
N GLY A 506 6.35 19.03 -5.31
CA GLY A 506 7.21 17.87 -5.11
C GLY A 506 8.33 18.14 -4.12
N LYS A 507 8.99 19.29 -4.26
CA LYS A 507 10.03 19.66 -3.31
C LYS A 507 9.45 19.81 -1.91
N ARG A 508 8.19 20.26 -1.80
CA ARG A 508 7.54 20.37 -0.50
C ARG A 508 7.12 19.00 0.03
N MET A 509 6.59 18.15 -0.84
CA MET A 509 6.10 16.88 -0.36
C MET A 509 7.23 15.90 -0.08
N LEU A 510 8.30 15.93 -0.90
CA LEU A 510 9.48 15.16 -0.53
C LEU A 510 10.04 15.64 0.79
N SER A 511 10.05 16.95 0.99
CA SER A 511 10.64 17.50 2.20
C SER A 511 9.81 17.17 3.44
N ALA A 512 8.49 17.07 3.29
CA ALA A 512 7.67 16.55 4.38
C ALA A 512 8.07 15.12 4.72
N VAL A 513 8.34 14.29 3.72
CA VAL A 513 8.78 12.92 4.00
C VAL A 513 10.17 12.90 4.66
N ILE A 514 11.14 13.62 4.08
CA ILE A 514 12.50 13.63 4.65
C ILE A 514 12.49 14.22 6.05
N GLU A 515 11.74 15.30 6.28
CA GLU A 515 11.67 15.85 7.64
C GLU A 515 10.94 14.90 8.58
N PHE A 516 9.93 14.19 8.08
CA PHE A 516 9.27 13.22 8.94
C PHE A 516 10.20 12.08 9.29
N ALA A 517 10.93 11.59 8.28
CA ALA A 517 11.91 10.54 8.51
C ALA A 517 12.96 10.98 9.50
N LYS A 518 13.44 12.22 9.37
CA LYS A 518 14.54 12.68 10.20
C LYS A 518 14.10 13.03 11.62
N THR A 519 12.91 13.61 11.79
CA THR A 519 12.48 14.10 13.09
C THR A 519 11.13 13.57 13.58
N GLY A 520 10.43 12.75 12.80
CA GLY A 520 9.12 12.34 13.24
C GLY A 520 8.08 13.42 13.09
N ASN A 521 8.45 14.52 12.48
CA ASN A 521 7.56 15.64 12.30
C ASN A 521 7.76 16.15 10.87
N PRO A 522 6.70 16.19 10.05
CA PRO A 522 6.87 16.66 8.67
C PRO A 522 7.03 18.17 8.55
N ALA A 523 6.78 18.92 9.61
CA ALA A 523 6.67 20.37 9.50
C ALA A 523 8.02 21.01 9.23
N GLN A 524 8.06 21.90 8.24
CA GLN A 524 9.25 22.68 7.93
C GLN A 524 9.46 23.78 8.98
N ASP A 525 10.58 24.47 8.85
CA ASP A 525 10.87 25.61 9.72
C ASP A 525 9.85 26.71 9.47
N GLY A 526 9.16 27.13 10.54
CA GLY A 526 8.15 28.16 10.46
C GLY A 526 6.86 27.73 9.79
N GLU A 527 6.85 26.59 9.10
CA GLU A 527 5.63 26.04 8.57
C GLU A 527 4.79 25.46 9.71
N GLU A 528 3.53 25.87 9.78
CA GLU A 528 2.61 25.37 10.79
C GLU A 528 1.96 24.11 10.26
N TRP A 529 2.13 23.01 10.99
CA TRP A 529 1.44 21.77 10.66
C TRP A 529 1.24 21.02 11.96
N PRO A 530 0.13 21.29 12.65
CA PRO A 530 -0.06 20.74 13.99
C PRO A 530 -0.52 19.29 13.96
N ASN A 531 -0.33 18.65 15.11
CA ASN A 531 -0.74 17.26 15.32
C ASN A 531 -2.24 17.08 15.07
N PHE A 532 -2.58 15.93 14.50
CA PHE A 532 -3.97 15.55 14.25
C PHE A 532 -4.47 14.71 15.41
N SER A 533 -5.65 15.05 15.92
CA SER A 533 -6.32 14.29 16.97
C SER A 533 -7.81 14.44 16.76
N LYS A 534 -8.59 13.58 17.44
CA LYS A 534 -10.05 13.71 17.40
C LYS A 534 -10.50 15.10 17.85
N GLU A 535 -9.86 15.63 18.90
CA GLU A 535 -10.18 16.96 19.42
C GLU A 535 -9.92 18.05 18.39
N ASP A 536 -8.93 17.85 17.53
CA ASP A 536 -8.51 18.87 16.56
C ASP A 536 -8.06 18.14 15.30
N PRO A 537 -8.99 17.60 14.54
CA PRO A 537 -8.66 16.80 13.36
C PRO A 537 -8.17 17.66 12.20
N VAL A 538 -7.11 18.44 12.46
CA VAL A 538 -6.52 19.35 11.49
C VAL A 538 -5.61 18.56 10.54
N TYR A 539 -5.68 18.89 9.25
CA TYR A 539 -4.81 18.27 8.27
C TYR A 539 -4.16 19.33 7.40
N TYR A 540 -3.07 18.95 6.73
CA TYR A 540 -2.35 19.85 5.84
C TYR A 540 -2.80 19.55 4.42
N ILE A 541 -3.01 20.59 3.63
CA ILE A 541 -3.46 20.39 2.26
C ILE A 541 -2.29 20.65 1.32
N PHE A 542 -1.96 19.64 0.52
CA PHE A 542 -0.93 19.79 -0.49
C PHE A 542 -1.60 20.19 -1.79
N SER A 543 -1.35 21.42 -2.23
CA SER A 543 -1.95 21.95 -3.45
C SER A 543 -0.94 22.90 -4.08
N THR A 544 -1.09 23.14 -5.39
CA THR A 544 -0.27 24.17 -6.00
C THR A 544 -0.87 25.53 -5.86
N ASP A 545 -2.19 25.56 -5.61
CA ASP A 545 -2.98 26.76 -5.34
C ASP A 545 -2.49 27.42 -4.06
N ASP A 546 -1.89 28.59 -4.21
CA ASP A 546 -1.41 29.35 -3.08
C ASP A 546 -2.52 30.17 -2.42
N LYS A 547 -3.75 30.10 -2.94
CA LYS A 547 -4.89 30.85 -2.45
C LYS A 547 -5.68 30.13 -1.35
N ILE A 548 -5.47 28.83 -1.17
CA ILE A 548 -6.29 28.09 -0.21
C ILE A 548 -5.65 28.18 1.16
N GLU A 549 -6.40 27.82 2.19
CA GLU A 549 -5.84 27.71 3.53
C GLU A 549 -5.25 26.32 3.66
N LYS A 550 -3.95 26.26 3.94
CA LYS A 550 -3.30 24.95 3.97
C LYS A 550 -3.86 24.06 5.07
N LEU A 551 -4.11 24.63 6.25
CA LEU A 551 -4.68 23.86 7.37
C LEU A 551 -6.21 23.93 7.34
N ALA A 552 -6.84 22.77 7.54
CA ALA A 552 -8.28 22.63 7.51
C ALA A 552 -8.70 21.52 8.46
N ARG A 553 -9.92 21.61 8.97
CA ARG A 553 -10.47 20.64 9.91
C ARG A 553 -11.82 20.10 9.44
N GLY A 554 -12.72 21.02 9.09
CA GLY A 554 -14.13 20.73 8.87
C GLY A 554 -14.47 19.81 7.73
N PRO A 555 -13.87 19.98 6.55
CA PRO A 555 -14.40 19.25 5.39
C PRO A 555 -14.20 17.74 5.44
N LEU A 556 -13.03 17.26 5.87
CA LEU A 556 -12.89 15.83 6.11
C LEU A 556 -13.74 15.39 7.29
N ALA A 557 -13.82 16.23 8.33
CA ALA A 557 -14.59 15.85 9.52
C ALA A 557 -16.03 15.56 9.17
N ALA A 558 -16.62 16.37 8.27
CA ALA A 558 -18.01 16.18 7.89
C ALA A 558 -18.16 14.98 6.96
N ARG A 559 -17.35 14.92 5.90
CA ARG A 559 -17.33 13.77 5.00
C ARG A 559 -17.46 12.44 5.74
N CYS A 560 -16.60 12.23 6.75
CA CYS A 560 -16.37 10.93 7.38
C CYS A 560 -17.19 10.74 8.64
N SER A 561 -17.72 11.84 9.18
CA SER A 561 -18.73 11.79 10.23
C SER A 561 -19.82 10.84 9.86
N PHE A 562 -20.27 10.91 8.61
CA PHE A 562 -21.28 9.99 8.13
C PHE A 562 -20.82 8.54 8.31
N TRP A 563 -19.62 8.21 7.82
CA TRP A 563 -19.18 6.81 7.82
C TRP A 563 -18.77 6.35 9.21
N ASN A 564 -18.09 7.21 9.97
CA ASN A 564 -17.53 6.78 11.23
C ASN A 564 -18.41 7.06 12.45
N ASP A 565 -19.41 7.95 12.36
CA ASP A 565 -20.27 8.20 13.50
C ASP A 565 -21.71 7.80 13.25
N TYR A 566 -22.31 8.28 12.17
CA TYR A 566 -23.75 8.15 12.01
C TYR A 566 -24.14 6.77 11.51
N LEU A 567 -23.44 6.29 10.47
CA LEU A 567 -23.80 5.00 9.86
C LEU A 567 -23.70 3.84 10.83
N PRO A 568 -22.69 3.74 11.69
CA PRO A 568 -22.74 2.74 12.76
C PRO A 568 -24.08 2.68 13.49
N LYS A 569 -24.69 3.83 13.78
CA LYS A 569 -25.97 3.84 14.50
C LYS A 569 -27.09 3.33 13.61
N VAL A 570 -27.05 3.62 12.32
CA VAL A 570 -28.04 3.05 11.41
C VAL A 570 -27.97 1.54 11.47
N ARG A 571 -26.75 0.99 11.54
CA ARG A 571 -26.53 -0.45 11.58
C ARG A 571 -27.22 -1.12 12.76
N SER A 572 -27.61 -0.36 13.78
CA SER A 572 -28.37 -0.90 14.91
C SER A 572 -29.84 -1.01 14.50
N TRP A 573 -30.11 -2.09 13.75
CA TRP A 573 -31.44 -2.66 13.49
C TRP A 573 -32.62 -1.69 13.56
C1 NAG B . 13.99 11.27 -14.67
C2 NAG B . 14.40 9.93 -14.14
C3 NAG B . 15.26 9.21 -15.18
C4 NAG B . 14.46 9.06 -16.46
C5 NAG B . 13.91 10.43 -16.90
C6 NAG B . 12.93 10.34 -18.04
C7 NAG B . 16.10 10.78 -12.56
C8 NAG B . 16.60 10.71 -11.15
N2 NAG B . 15.05 10.00 -12.84
O3 NAG B . 15.65 7.94 -14.66
O4 NAG B . 15.24 8.56 -17.53
O5 NAG B . 13.22 11.09 -15.83
O6 NAG B . 12.57 11.65 -18.47
O7 NAG B . 16.65 11.48 -13.42
C1 NAG B . 15.19 7.11 -17.66
C2 NAG B . 15.16 6.65 -19.11
C3 NAG B . 15.13 5.12 -19.18
C4 NAG B . 16.28 4.52 -18.37
C5 NAG B . 16.28 5.11 -16.95
C6 NAG B . 17.48 4.68 -16.13
C7 NAG B . 14.06 8.38 -20.46
C8 NAG B . 12.80 8.79 -21.18
N2 NAG B . 14.02 7.20 -19.84
O3 NAG B . 15.21 4.69 -20.53
O4 NAG B . 16.13 3.11 -18.31
O5 NAG B . 16.32 6.54 -17.01
O6 NAG B . 18.49 5.68 -16.11
O7 NAG B . 15.05 9.10 -20.43
C1 BMA B . 17.32 2.43 -18.79
C2 BMA B . 17.63 1.22 -17.88
C3 BMA B . 18.94 0.58 -18.34
C4 BMA B . 18.91 0.29 -19.87
C5 BMA B . 18.48 1.56 -20.68
C6 BMA B . 18.25 1.30 -22.16
O2 BMA B . 16.61 0.21 -18.00
O3 BMA B . 19.29 -0.61 -17.59
O4 BMA B . 20.19 -0.14 -20.31
O5 BMA B . 17.25 2.09 -20.15
O6 BMA B . 17.24 2.17 -22.65
C1 I40 C . -1.18 2.77 -7.37
C2 I40 C . -0.87 1.56 -6.39
C3 I40 C . -1.51 0.23 -6.78
C4 I40 C . -1.53 -0.02 -8.33
C5 I40 C . -2.88 0.81 -10.38
C6 I40 C . -4.18 1.89 -12.32
C7 I40 C . -4.70 3.06 -12.97
C8 I40 C . -4.48 4.34 -12.41
C9 I40 C . -3.72 4.49 -11.20
N1 I40 C . -2.49 3.54 -9.35
C10 I40 C . -1.97 2.43 -8.70
C11 I40 C . -2.14 1.10 -9.17
C12 I40 C . -3.43 2.04 -11.09
C13 I40 C . -3.21 3.30 -10.56
N2 I40 C . -3.08 -0.56 -10.89
I1 I40 C . -5.68 -3.39 -6.85
C14 I40 C . -4.26 -1.10 -11.65
C15 I40 C . -5.46 -1.48 -10.74
C16 I40 C . -5.18 -2.10 -9.51
C17 I40 C . -6.22 -2.46 -8.65
C18 I40 C . -7.58 -2.22 -8.97
C19 I40 C . -7.88 -1.60 -10.21
C20 I40 C . -6.83 -1.22 -11.10
I IOD D . -4.42 -0.09 -2.92
#